data_9JXT
#
_entry.id   9JXT
#
_cell.length_a   92.700
_cell.length_b   92.700
_cell.length_c   128.320
_cell.angle_alpha   90.00
_cell.angle_beta   90.00
_cell.angle_gamma   120.00
#
_symmetry.space_group_name_H-M   'P 31 2 1'
#
loop_
_entity.id
_entity.type
_entity.pdbx_description
1 polymer 'Cysteine desulfurase SufS'
2 non-polymer DI(HYDROXYETHYL)ETHER
3 non-polymer '(2~{S})-2-[(~{E})-[2-methyl-3-oxidanyl-5-(phosphonooxymethyl)pyridin-4-yl]methylideneamino]-3-oxidanylidene-propanoic acid'
4 water water
#
_entity_poly.entity_id   1
_entity_poly.type   'polypeptide(L)'
_entity_poly.pdbx_seq_one_letter_code
;MGHMNITDIREQFPILHQQVNGHDLVYLDSAATSQKPRAVIETLDKYYNQYNSNVHRGVHTLGTRATDGYEGAREKVRKF
INAKSMAEIIFTKGTTTSLNMVALSYARANLKPGDEVVITYMEHHANIIPWQQAVKATGATLKYIPLQEDGTISLEDVRE
TVTSNTKIVAVSHVSNVLGTVNPIKEMAKIAHDNGAVIVVDGAQSTPHMKIDVQDLDCDFFALSSHKMCGPTGVGVLYGK
KALLENMEPAEFGGEMIDFVGLYESTWKELPWKFEAGTPIIAGAIGLGAAIDFLEEIGLDEISRHEHKLAAYALERFRQL
DGVTVYGPEERAGLVTFNLDDVHPHDVATVLDAEGIAVRAGHHCAQPLMKWLDVTATARASFYLYNTEEEIDKLVEALQK
TKEYFTNVFVDLEHHHHHH
;
_entity_poly.pdbx_strand_id   A
#
# COMPACT_ATOMS: atom_id res chain seq x y z
N HIS A 3 -4.70 -22.95 -12.64
CA HIS A 3 -5.28 -22.05 -11.62
C HIS A 3 -4.54 -22.25 -10.29
N MET A 4 -4.68 -21.29 -9.38
CA MET A 4 -4.06 -21.39 -8.07
C MET A 4 -4.93 -22.25 -7.16
N ASN A 5 -4.26 -23.17 -6.45
CA ASN A 5 -4.89 -24.05 -5.48
C ASN A 5 -4.81 -23.42 -4.08
N ILE A 6 -5.98 -23.03 -3.54
CA ILE A 6 -6.09 -22.26 -2.32
C ILE A 6 -5.70 -23.11 -1.14
N THR A 7 -5.97 -24.42 -1.21
CA THR A 7 -5.50 -25.33 -0.16
C THR A 7 -3.97 -25.33 -0.11
N ASP A 8 -3.31 -25.44 -1.27
CA ASP A 8 -1.86 -25.49 -1.31
C ASP A 8 -1.25 -24.16 -0.87
N ILE A 9 -1.92 -23.05 -1.18
CA ILE A 9 -1.47 -21.73 -0.81
C ILE A 9 -1.53 -21.58 0.72
N ARG A 10 -2.67 -21.92 1.31
CA ARG A 10 -2.92 -21.80 2.75
C ARG A 10 -1.93 -22.63 3.55
N GLU A 11 -1.56 -23.81 3.04
CA GLU A 11 -0.58 -24.67 3.67
CA GLU A 11 -0.59 -24.67 3.70
C GLU A 11 0.76 -23.96 3.86
N GLN A 12 1.04 -22.89 3.08
CA GLN A 12 2.34 -22.21 3.18
C GLN A 12 2.36 -21.11 4.27
N PHE A 13 1.21 -20.79 4.89
CA PHE A 13 1.10 -19.70 5.85
C PHE A 13 0.86 -20.27 7.25
N PRO A 14 1.92 -20.58 8.04
CA PRO A 14 1.70 -21.22 9.35
C PRO A 14 0.68 -20.47 10.20
N ILE A 15 0.67 -19.13 10.11
CA ILE A 15 -0.13 -18.32 11.05
C ILE A 15 -1.64 -18.61 10.92
N LEU A 16 -2.08 -19.12 9.76
CA LEU A 16 -3.49 -19.35 9.51
C LEU A 16 -4.00 -20.52 10.34
N HIS A 17 -3.11 -21.43 10.78
CA HIS A 17 -3.58 -22.70 11.32
C HIS A 17 -3.58 -22.63 12.84
N GLN A 18 -4.57 -21.92 13.39
CA GLN A 18 -4.65 -21.78 14.84
C GLN A 18 -6.07 -21.33 15.17
N GLN A 19 -6.40 -21.36 16.45
CA GLN A 19 -7.74 -20.95 16.86
C GLN A 19 -7.65 -19.69 17.69
N VAL A 20 -8.73 -18.88 17.66
CA VAL A 20 -8.89 -17.76 18.57
C VAL A 20 -10.24 -17.93 19.27
N ASN A 21 -10.25 -17.94 20.60
CA ASN A 21 -11.47 -18.13 21.36
C ASN A 21 -12.15 -19.44 20.97
N GLY A 22 -11.36 -20.47 20.71
CA GLY A 22 -11.95 -21.76 20.41
C GLY A 22 -12.55 -21.86 19.00
N HIS A 23 -12.34 -20.87 18.13
CA HIS A 23 -12.77 -21.02 16.74
C HIS A 23 -11.57 -20.95 15.80
N ASP A 24 -11.62 -21.70 14.70
CA ASP A 24 -10.61 -21.51 13.67
C ASP A 24 -10.49 -20.03 13.33
N LEU A 25 -9.24 -19.52 13.28
CA LEU A 25 -8.92 -18.17 12.88
C LEU A 25 -9.48 -17.89 11.47
N VAL A 26 -10.18 -16.75 11.33
CA VAL A 26 -10.60 -16.28 10.01
C VAL A 26 -10.01 -14.89 9.85
N TYR A 27 -8.84 -14.82 9.17
CA TYR A 27 -8.10 -13.55 9.11
C TYR A 27 -8.56 -12.76 7.88
N LEU A 28 -9.28 -11.65 8.12
CA LEU A 28 -9.88 -10.83 7.08
C LEU A 28 -9.44 -9.38 7.28
N ASP A 29 -8.15 -9.19 7.52
CA ASP A 29 -7.60 -7.87 7.80
C ASP A 29 -6.30 -7.63 7.01
N SER A 30 -6.21 -8.20 5.80
CA SER A 30 -4.98 -8.13 5.00
C SER A 30 -4.73 -6.72 4.47
N ALA A 31 -5.77 -5.88 4.34
CA ALA A 31 -5.52 -4.47 4.03
C ALA A 31 -4.80 -3.74 5.17
N ALA A 32 -4.94 -4.19 6.44
CA ALA A 32 -4.12 -3.61 7.51
C ALA A 32 -2.69 -4.18 7.45
N THR A 33 -2.58 -5.50 7.34
CA THR A 33 -1.29 -6.13 7.11
C THR A 33 -1.51 -7.54 6.61
N SER A 34 -0.57 -8.03 5.80
CA SER A 34 -0.74 -9.37 5.25
C SER A 34 0.11 -10.37 6.07
N GLN A 35 -0.21 -11.67 5.92
CA GLN A 35 0.56 -12.75 6.54
C GLN A 35 1.64 -13.19 5.55
N LYS A 36 2.61 -13.94 6.07
CA LYS A 36 3.80 -14.34 5.35
C LYS A 36 3.84 -15.86 5.11
N PRO A 37 4.31 -16.30 3.94
CA PRO A 37 4.50 -17.74 3.69
C PRO A 37 5.84 -18.16 4.24
N ARG A 38 6.05 -19.48 4.32
CA ARG A 38 7.28 -20.08 4.79
C ARG A 38 8.47 -19.53 4.01
N ALA A 39 8.31 -19.39 2.68
CA ALA A 39 9.40 -18.98 1.80
C ALA A 39 9.97 -17.64 2.26
N VAL A 40 9.12 -16.75 2.77
CA VAL A 40 9.58 -15.44 3.22
C VAL A 40 10.27 -15.57 4.58
N ILE A 41 9.65 -16.28 5.54
CA ILE A 41 10.19 -16.39 6.89
C ILE A 41 11.57 -17.09 6.86
N GLU A 42 11.62 -18.20 6.10
CA GLU A 42 12.84 -18.97 5.95
C GLU A 42 13.91 -18.14 5.24
N THR A 43 13.51 -17.16 4.42
CA THR A 43 14.50 -16.31 3.77
C THR A 43 15.21 -15.48 4.85
N LEU A 44 14.42 -14.94 5.79
CA LEU A 44 14.98 -14.17 6.91
C LEU A 44 15.87 -15.05 7.75
N ASP A 45 15.40 -16.29 8.05
CA ASP A 45 16.15 -17.23 8.87
C ASP A 45 17.49 -17.49 8.22
N LYS A 46 17.47 -17.71 6.90
CA LYS A 46 18.69 -18.10 6.23
C LYS A 46 19.63 -16.90 6.22
N TYR A 47 19.10 -15.68 6.03
CA TYR A 47 19.96 -14.52 6.04
C TYR A 47 20.70 -14.45 7.39
N TYR A 48 19.95 -14.56 8.49
CA TYR A 48 20.58 -14.36 9.79
C TYR A 48 21.42 -15.55 10.23
N ASN A 49 21.06 -16.77 9.75
CA ASN A 49 21.74 -18.00 10.11
C ASN A 49 23.02 -18.14 9.31
N GLN A 50 23.11 -17.45 8.14
CA GLN A 50 24.15 -17.83 7.19
C GLN A 50 24.98 -16.70 6.60
N TYR A 51 24.41 -15.54 6.29
CA TYR A 51 25.26 -14.59 5.58
C TYR A 51 25.03 -13.13 5.99
N ASN A 52 24.41 -12.89 7.15
CA ASN A 52 24.37 -11.53 7.70
C ASN A 52 25.78 -10.90 7.74
N SER A 53 25.86 -9.67 7.23
CA SER A 53 27.03 -8.82 7.26
C SER A 53 26.58 -7.47 6.74
N ASN A 54 27.37 -6.40 6.97
CA ASN A 54 27.03 -5.11 6.39
C ASN A 54 27.32 -5.22 4.88
N VAL A 55 26.79 -4.29 4.07
CA VAL A 55 26.93 -4.30 2.61
C VAL A 55 28.19 -3.56 2.19
N HIS A 56 28.55 -3.67 0.90
CA HIS A 56 29.91 -3.46 0.35
C HIS A 56 30.57 -4.78 -0.09
N ARG A 57 30.48 -5.01 -1.43
CA ARG A 57 31.23 -6.03 -2.15
C ARG A 57 32.75 -5.87 -1.92
N GLY A 58 33.47 -6.99 -2.07
CA GLY A 58 34.92 -6.99 -2.17
C GLY A 58 35.64 -6.76 -0.85
N VAL A 59 34.98 -7.07 0.28
CA VAL A 59 35.64 -6.92 1.56
C VAL A 59 35.92 -8.31 2.14
N HIS A 60 34.83 -9.06 2.38
CA HIS A 60 34.86 -10.39 2.95
C HIS A 60 33.68 -11.18 2.39
N THR A 61 33.72 -12.50 2.54
CA THR A 61 32.79 -13.38 1.85
C THR A 61 31.35 -13.14 2.33
N LEU A 62 31.09 -13.13 3.64
CA LEU A 62 29.72 -12.87 4.07
C LEU A 62 29.26 -11.48 3.61
N GLY A 63 30.18 -10.50 3.66
CA GLY A 63 29.86 -9.14 3.27
C GLY A 63 29.45 -9.09 1.80
N THR A 64 30.08 -9.93 0.96
CA THR A 64 29.73 -9.98 -0.46
C THR A 64 28.34 -10.61 -0.64
N ARG A 65 28.09 -11.73 0.01
CA ARG A 65 26.80 -12.40 -0.04
C ARG A 65 25.67 -11.48 0.40
N ALA A 66 25.88 -10.74 1.52
CA ALA A 66 24.84 -9.83 2.01
C ALA A 66 24.55 -8.79 0.93
N THR A 67 25.63 -8.20 0.38
CA THR A 67 25.48 -7.21 -0.68
C THR A 67 24.71 -7.76 -1.89
N ASP A 68 25.14 -8.94 -2.40
CA ASP A 68 24.47 -9.52 -3.57
C ASP A 68 23.00 -9.82 -3.28
N GLY A 69 22.73 -10.20 -2.03
CA GLY A 69 21.35 -10.44 -1.60
C GLY A 69 20.54 -9.15 -1.67
N TYR A 70 21.11 -8.05 -1.15
CA TYR A 70 20.41 -6.78 -1.01
C TYR A 70 20.20 -6.15 -2.41
N GLU A 71 21.26 -6.09 -3.23
CA GLU A 71 21.16 -5.48 -4.56
C GLU A 71 20.33 -6.40 -5.44
N GLY A 72 20.48 -7.72 -5.29
CA GLY A 72 19.65 -8.68 -6.01
C GLY A 72 18.17 -8.43 -5.73
N ALA A 73 17.82 -8.00 -4.51
CA ALA A 73 16.42 -7.79 -4.19
C ALA A 73 15.94 -6.51 -4.86
N ARG A 74 16.82 -5.48 -4.93
CA ARG A 74 16.56 -4.27 -5.69
C ARG A 74 16.21 -4.61 -7.14
N GLU A 75 16.95 -5.56 -7.74
CA GLU A 75 16.67 -5.94 -9.13
C GLU A 75 15.30 -6.64 -9.23
N LYS A 76 15.03 -7.54 -8.27
CA LYS A 76 13.72 -8.21 -8.24
C LYS A 76 12.60 -7.16 -8.17
N VAL A 77 12.76 -6.10 -7.37
CA VAL A 77 11.72 -5.09 -7.31
C VAL A 77 11.56 -4.36 -8.66
N ARG A 78 12.69 -4.01 -9.26
CA ARG A 78 12.70 -3.31 -10.54
C ARG A 78 11.90 -4.10 -11.57
N LYS A 79 12.25 -5.38 -11.74
CA LYS A 79 11.51 -6.22 -12.66
C LYS A 79 10.03 -6.28 -12.24
N PHE A 80 9.74 -6.35 -10.93
CA PHE A 80 8.38 -6.60 -10.45
C PHE A 80 7.43 -5.45 -10.85
N ILE A 81 7.90 -4.20 -10.80
CA ILE A 81 7.00 -3.12 -11.15
C ILE A 81 7.36 -2.55 -12.53
N ASN A 82 8.28 -3.20 -13.25
CA ASN A 82 8.61 -2.84 -14.62
C ASN A 82 9.26 -1.45 -14.69
N ALA A 83 10.14 -1.15 -13.73
CA ALA A 83 10.92 0.06 -13.80
C ALA A 83 12.04 -0.11 -14.85
N LYS A 84 12.56 1.01 -15.37
CA LYS A 84 13.63 0.93 -16.35
C LYS A 84 14.95 0.54 -15.68
N SER A 85 15.19 1.08 -14.47
CA SER A 85 16.53 1.04 -13.88
C SER A 85 16.44 0.84 -12.36
N MET A 86 17.40 0.07 -11.84
CA MET A 86 17.62 -0.01 -10.41
C MET A 86 17.86 1.37 -9.81
N ALA A 87 18.29 2.36 -10.62
CA ALA A 87 18.53 3.70 -10.08
C ALA A 87 17.22 4.31 -9.62
N GLU A 88 16.11 3.77 -10.15
CA GLU A 88 14.79 4.30 -9.84
C GLU A 88 14.15 3.59 -8.63
N ILE A 89 14.85 2.60 -8.05
CA ILE A 89 14.28 1.77 -7.00
C ILE A 89 14.97 2.09 -5.66
N ILE A 90 14.28 2.80 -4.77
CA ILE A 90 14.82 3.18 -3.47
C ILE A 90 14.10 2.39 -2.36
N PHE A 91 14.88 1.74 -1.49
CA PHE A 91 14.33 1.05 -0.34
C PHE A 91 14.12 2.06 0.78
N THR A 92 12.91 2.03 1.36
CA THR A 92 12.56 2.95 2.43
C THR A 92 11.95 2.06 3.53
N LYS A 93 11.46 2.70 4.59
CA LYS A 93 10.82 2.00 5.71
C LYS A 93 9.38 1.59 5.35
N GLY A 94 8.82 2.17 4.27
CA GLY A 94 7.40 1.90 3.99
C GLY A 94 6.79 2.97 3.10
N THR A 95 5.52 2.75 2.68
CA THR A 95 4.79 3.71 1.84
C THR A 95 4.85 5.12 2.43
N THR A 96 4.56 5.24 3.74
CA THR A 96 4.52 6.53 4.42
C THR A 96 5.82 7.30 4.23
N THR A 97 6.96 6.68 4.55
CA THR A 97 8.26 7.33 4.40
C THR A 97 8.49 7.67 2.93
N SER A 98 8.16 6.74 2.03
CA SER A 98 8.31 7.01 0.60
C SER A 98 7.56 8.28 0.19
N LEU A 99 6.29 8.42 0.62
CA LEU A 99 5.50 9.59 0.25
C LEU A 99 6.07 10.87 0.86
N ASN A 100 6.59 10.81 2.09
CA ASN A 100 7.19 11.95 2.78
C ASN A 100 8.49 12.35 2.09
N MET A 101 9.22 11.38 1.51
CA MET A 101 10.43 11.77 0.83
C MET A 101 10.10 12.65 -0.38
N VAL A 102 9.05 12.27 -1.11
CA VAL A 102 8.66 13.04 -2.27
C VAL A 102 8.20 14.42 -1.77
N ALA A 103 7.45 14.46 -0.65
CA ALA A 103 6.96 15.73 -0.14
C ALA A 103 8.11 16.64 0.27
N LEU A 104 9.10 16.03 0.92
CA LEU A 104 10.26 16.74 1.41
C LEU A 104 11.14 17.23 0.26
N SER A 105 11.64 16.29 -0.57
CA SER A 105 12.71 16.53 -1.53
C SER A 105 12.18 17.05 -2.85
N TYR A 106 10.92 16.71 -3.15
CA TYR A 106 10.35 17.15 -4.42
C TYR A 106 9.46 18.38 -4.19
N ALA A 107 8.32 18.20 -3.50
CA ALA A 107 7.40 19.29 -3.25
C ALA A 107 8.11 20.52 -2.68
N ARG A 108 8.79 20.39 -1.54
CA ARG A 108 9.31 21.59 -0.84
C ARG A 108 10.32 22.37 -1.67
N ALA A 109 10.84 21.80 -2.77
CA ALA A 109 11.87 22.47 -3.54
C ALA A 109 11.26 23.00 -4.84
N ASN A 110 9.97 22.71 -5.07
CA ASN A 110 9.36 23.02 -6.35
C ASN A 110 7.99 23.68 -6.20
N LEU A 111 7.68 24.24 -5.02
CA LEU A 111 6.38 24.88 -4.88
C LEU A 111 6.59 26.35 -4.53
N LYS A 112 5.89 27.23 -5.26
CA LYS A 112 5.87 28.67 -5.06
C LYS A 112 4.44 29.07 -4.65
N PRO A 113 4.19 30.19 -3.94
CA PRO A 113 2.81 30.64 -3.78
C PRO A 113 2.11 30.67 -5.14
N GLY A 114 0.88 30.15 -5.19
CA GLY A 114 0.10 30.06 -6.42
C GLY A 114 0.11 28.66 -7.02
N ASP A 115 1.12 27.87 -6.67
CA ASP A 115 1.25 26.47 -7.05
C ASP A 115 0.21 25.62 -6.31
N GLU A 116 -0.33 24.61 -7.01
CA GLU A 116 -1.32 23.71 -6.46
C GLU A 116 -0.78 22.28 -6.30
N VAL A 117 -1.17 21.67 -5.18
CA VAL A 117 -1.06 20.23 -5.06
C VAL A 117 -2.49 19.68 -5.02
N VAL A 118 -2.78 18.73 -5.89
CA VAL A 118 -4.13 18.20 -5.97
C VAL A 118 -4.16 16.74 -5.50
N ILE A 119 -5.06 16.45 -4.54
CA ILE A 119 -5.26 15.11 -4.00
C ILE A 119 -6.74 14.77 -4.12
N THR A 120 -7.22 13.76 -3.40
CA THR A 120 -8.62 13.37 -3.51
C THR A 120 -9.15 13.13 -2.10
N TYR A 121 -10.47 12.98 -1.99
CA TYR A 121 -11.13 12.87 -0.69
C TYR A 121 -10.96 11.48 -0.10
N MET A 122 -10.55 10.51 -0.95
CA MET A 122 -10.44 9.13 -0.50
C MET A 122 -9.03 8.76 -0.02
N GLU A 123 -8.08 9.72 0.01
CA GLU A 123 -6.68 9.42 0.31
C GLU A 123 -6.49 8.99 1.77
N HIS A 124 -5.63 7.99 1.95
CA HIS A 124 -5.07 7.64 3.25
C HIS A 124 -4.33 8.85 3.80
N HIS A 125 -4.22 8.98 5.12
CA HIS A 125 -3.40 10.06 5.71
C HIS A 125 -1.94 10.14 5.22
N ALA A 126 -1.32 8.97 4.93
CA ALA A 126 0.03 8.92 4.38
C ALA A 126 0.08 9.79 3.12
N ASN A 127 -1.06 9.91 2.43
CA ASN A 127 -1.08 10.62 1.15
C ASN A 127 -1.84 11.94 1.30
N ILE A 128 -1.87 12.47 2.53
CA ILE A 128 -2.53 13.73 2.86
C ILE A 128 -1.58 14.63 3.66
N ILE A 129 -1.14 14.16 4.85
CA ILE A 129 -0.47 15.04 5.80
C ILE A 129 0.83 15.57 5.20
N PRO A 130 1.61 14.78 4.44
CA PRO A 130 2.86 15.32 3.86
C PRO A 130 2.65 16.49 2.92
N TRP A 131 1.50 16.49 2.24
CA TRP A 131 1.17 17.54 1.30
C TRP A 131 0.65 18.76 2.03
N GLN A 132 -0.14 18.53 3.10
CA GLN A 132 -0.55 19.61 3.99
C GLN A 132 0.68 20.38 4.45
N GLN A 133 1.72 19.65 4.83
CA GLN A 133 2.88 20.26 5.46
C GLN A 133 3.69 21.00 4.39
N ALA A 134 3.81 20.36 3.22
CA ALA A 134 4.62 20.92 2.16
C ALA A 134 3.99 22.21 1.61
N VAL A 135 2.66 22.22 1.43
CA VAL A 135 1.99 23.43 0.96
C VAL A 135 2.16 24.54 2.00
N LYS A 136 2.00 24.20 3.27
CA LYS A 136 2.16 25.18 4.33
C LYS A 136 3.59 25.71 4.36
N ALA A 137 4.58 24.85 4.06
CA ALA A 137 5.96 25.32 4.12
C ALA A 137 6.28 26.30 2.99
N THR A 138 5.57 26.21 1.87
CA THR A 138 5.94 26.92 0.65
C THR A 138 4.90 28.01 0.34
N GLY A 139 3.81 28.09 1.10
CA GLY A 139 2.73 29.02 0.79
C GLY A 139 1.94 28.62 -0.46
N ALA A 140 2.08 27.38 -0.94
CA ALA A 140 1.28 26.91 -2.06
C ALA A 140 -0.13 26.53 -1.60
N THR A 141 -0.92 25.93 -2.49
CA THR A 141 -2.33 25.68 -2.22
C THR A 141 -2.65 24.19 -2.37
N LEU A 142 -3.48 23.65 -1.48
CA LEU A 142 -3.89 22.24 -1.58
C LEU A 142 -5.33 22.16 -2.07
N LYS A 143 -5.58 21.33 -3.09
CA LYS A 143 -6.94 21.09 -3.59
C LYS A 143 -7.29 19.60 -3.56
N TYR A 144 -8.61 19.34 -3.54
CA TYR A 144 -9.17 18.00 -3.54
C TYR A 144 -10.07 17.79 -4.75
N ILE A 145 -9.77 16.77 -5.58
CA ILE A 145 -10.68 16.26 -6.61
C ILE A 145 -11.89 15.66 -5.92
N PRO A 146 -13.12 16.09 -6.25
CA PRO A 146 -14.33 15.50 -5.65
C PRO A 146 -14.55 14.07 -6.14
N LEU A 147 -15.35 13.30 -5.39
CA LEU A 147 -15.74 11.94 -5.72
C LEU A 147 -17.17 11.91 -6.29
N GLN A 148 -17.46 10.90 -7.12
CA GLN A 148 -18.81 10.61 -7.54
C GLN A 148 -19.53 9.94 -6.39
N GLU A 149 -20.84 9.70 -6.58
CA GLU A 149 -21.73 9.22 -5.54
C GLU A 149 -21.36 7.81 -5.10
N ASP A 150 -20.82 7.00 -6.03
CA ASP A 150 -20.40 5.65 -5.70
C ASP A 150 -18.93 5.57 -5.21
N GLY A 151 -18.30 6.72 -4.96
CA GLY A 151 -16.92 6.80 -4.49
C GLY A 151 -15.83 6.49 -5.53
N THR A 152 -16.14 6.56 -6.84
CA THR A 152 -15.10 6.60 -7.85
C THR A 152 -14.86 8.07 -8.22
N ILE A 153 -13.85 8.27 -9.05
CA ILE A 153 -13.41 9.60 -9.47
C ILE A 153 -13.70 9.71 -10.97
N SER A 154 -14.25 10.85 -11.40
CA SER A 154 -14.45 11.00 -12.84
C SER A 154 -13.29 11.78 -13.44
N LEU A 155 -12.90 11.40 -14.66
CA LEU A 155 -11.82 12.09 -15.34
C LEU A 155 -12.18 13.57 -15.53
N GLU A 156 -13.49 13.86 -15.65
CA GLU A 156 -13.95 15.24 -15.84
C GLU A 156 -13.63 16.09 -14.62
N ASP A 157 -13.91 15.55 -13.44
CA ASP A 157 -13.52 16.25 -12.23
C ASP A 157 -12.00 16.45 -12.18
N VAL A 158 -11.27 15.54 -12.82
CA VAL A 158 -9.83 15.66 -12.72
C VAL A 158 -9.38 16.86 -13.56
N ARG A 159 -9.86 16.92 -14.81
CA ARG A 159 -9.54 18.02 -15.73
C ARG A 159 -9.94 19.36 -15.13
N GLU A 160 -11.02 19.35 -14.35
CA GLU A 160 -11.53 20.52 -13.66
C GLU A 160 -10.60 20.96 -12.54
N THR A 161 -10.21 20.03 -11.64
CA THR A 161 -9.41 20.38 -10.46
C THR A 161 -7.98 20.72 -10.85
N VAL A 162 -7.41 19.93 -11.77
CA VAL A 162 -6.02 20.13 -12.19
C VAL A 162 -6.01 21.29 -13.18
N THR A 163 -5.11 22.25 -12.94
CA THR A 163 -4.97 23.44 -13.77
C THR A 163 -3.49 23.63 -14.11
N SER A 164 -3.22 24.68 -14.89
CA SER A 164 -1.84 24.86 -15.32
C SER A 164 -0.99 25.43 -14.19
N ASN A 165 -1.59 25.68 -13.00
CA ASN A 165 -0.84 25.98 -11.79
C ASN A 165 -0.59 24.73 -10.92
N THR A 166 -1.15 23.58 -11.33
CA THR A 166 -0.92 22.37 -10.57
C THR A 166 0.50 21.87 -10.78
N LYS A 167 1.26 21.69 -9.68
CA LYS A 167 2.59 21.13 -9.77
C LYS A 167 2.59 19.64 -9.47
N ILE A 168 1.71 19.20 -8.58
CA ILE A 168 1.69 17.80 -8.17
C ILE A 168 0.24 17.32 -8.10
N VAL A 169 -0.02 16.17 -8.71
CA VAL A 169 -1.20 15.37 -8.42
C VAL A 169 -0.77 14.12 -7.62
N ALA A 170 -1.37 13.92 -6.43
CA ALA A 170 -1.07 12.74 -5.62
C ALA A 170 -2.37 11.97 -5.38
N VAL A 171 -2.37 10.68 -5.76
CA VAL A 171 -3.60 9.92 -5.70
C VAL A 171 -3.30 8.44 -5.42
N SER A 172 -4.26 7.76 -4.78
CA SER A 172 -4.16 6.34 -4.48
CA SER A 172 -4.09 6.34 -4.50
C SER A 172 -4.41 5.51 -5.73
N HIS A 173 -3.65 4.43 -5.89
CA HIS A 173 -3.95 3.50 -6.96
C HIS A 173 -5.27 2.77 -6.68
N VAL A 174 -5.34 2.21 -5.45
CA VAL A 174 -6.49 1.49 -4.93
C VAL A 174 -6.75 2.04 -3.52
N SER A 175 -8.04 2.31 -3.25
CA SER A 175 -8.42 2.85 -1.96
C SER A 175 -8.51 1.72 -0.94
N ASN A 176 -8.00 1.95 0.27
CA ASN A 176 -8.01 0.91 1.27
C ASN A 176 -9.35 0.88 1.99
N VAL A 177 -10.28 1.77 1.59
CA VAL A 177 -11.58 1.86 2.24
C VAL A 177 -12.70 1.47 1.28
N LEU A 178 -12.72 2.11 0.10
CA LEU A 178 -13.81 2.01 -0.87
C LEU A 178 -13.58 0.80 -1.77
N GLY A 179 -12.31 0.39 -1.90
CA GLY A 179 -11.91 -0.67 -2.83
C GLY A 179 -11.78 -0.19 -4.27
N THR A 180 -11.98 1.11 -4.49
CA THR A 180 -11.94 1.72 -5.81
C THR A 180 -10.54 1.56 -6.42
N VAL A 181 -10.46 1.12 -7.69
CA VAL A 181 -9.25 1.17 -8.48
C VAL A 181 -9.31 2.46 -9.30
N ASN A 182 -8.41 3.41 -9.03
CA ASN A 182 -8.49 4.71 -9.65
C ASN A 182 -7.90 4.69 -11.06
N PRO A 183 -8.36 5.56 -11.99
CA PRO A 183 -7.81 5.62 -13.34
C PRO A 183 -6.47 6.34 -13.46
N ILE A 184 -5.43 5.68 -12.92
CA ILE A 184 -4.11 6.26 -12.68
C ILE A 184 -3.52 6.68 -14.02
N LYS A 185 -3.58 5.75 -14.98
CA LYS A 185 -2.97 5.98 -16.29
C LYS A 185 -3.57 7.22 -16.98
N GLU A 186 -4.88 7.42 -16.92
CA GLU A 186 -5.51 8.59 -17.51
C GLU A 186 -5.18 9.82 -16.66
N MET A 187 -5.10 9.65 -15.33
CA MET A 187 -4.79 10.79 -14.47
C MET A 187 -3.36 11.28 -14.72
N ALA A 188 -2.47 10.36 -15.10
CA ALA A 188 -1.11 10.80 -15.32
C ALA A 188 -1.06 11.61 -16.61
N LYS A 189 -1.84 11.19 -17.61
CA LYS A 189 -1.89 11.95 -18.85
C LYS A 189 -2.40 13.37 -18.57
N ILE A 190 -3.47 13.52 -17.79
CA ILE A 190 -4.01 14.83 -17.46
C ILE A 190 -2.99 15.65 -16.69
N ALA A 191 -2.36 15.05 -15.68
CA ALA A 191 -1.36 15.74 -14.87
C ALA A 191 -0.26 16.31 -15.76
N HIS A 192 0.26 15.50 -16.70
CA HIS A 192 1.34 15.91 -17.58
C HIS A 192 0.90 17.04 -18.53
N ASP A 193 -0.27 16.91 -19.14
CA ASP A 193 -0.87 17.95 -19.97
C ASP A 193 -0.81 19.30 -19.26
N ASN A 194 -0.89 19.33 -17.93
CA ASN A 194 -0.87 20.63 -17.26
C ASN A 194 0.51 20.95 -16.73
N GLY A 195 1.47 20.06 -17.03
CA GLY A 195 2.84 20.25 -16.60
C GLY A 195 3.06 19.83 -15.14
N ALA A 196 2.19 18.98 -14.58
CA ALA A 196 2.35 18.45 -13.21
C ALA A 196 3.06 17.09 -13.25
N VAL A 197 3.56 16.67 -12.09
CA VAL A 197 3.94 15.27 -11.88
C VAL A 197 2.81 14.56 -11.15
N ILE A 198 2.74 13.23 -11.33
CA ILE A 198 1.79 12.42 -10.58
C ILE A 198 2.53 11.51 -9.58
N VAL A 199 2.03 11.53 -8.34
CA VAL A 199 2.53 10.73 -7.24
C VAL A 199 1.47 9.68 -6.92
N VAL A 200 1.83 8.39 -7.08
CA VAL A 200 0.92 7.29 -6.87
C VAL A 200 1.22 6.56 -5.54
N ASP A 201 0.25 6.56 -4.64
CA ASP A 201 0.15 5.71 -3.46
C ASP A 201 -0.34 4.32 -3.85
N GLY A 202 0.63 3.39 -4.00
CA GLY A 202 0.38 2.03 -4.42
C GLY A 202 0.44 0.97 -3.29
N ALA A 203 0.25 1.39 -2.02
CA ALA A 203 0.27 0.46 -0.88
C ALA A 203 -0.76 -0.64 -1.05
N GLN A 204 -1.95 -0.30 -1.57
CA GLN A 204 -3.05 -1.25 -1.60
C GLN A 204 -3.15 -1.93 -2.98
N SER A 205 -2.53 -1.35 -4.01
CA SER A 205 -2.56 -1.98 -5.33
C SER A 205 -1.48 -3.07 -5.45
N THR A 206 -0.21 -2.71 -5.17
CA THR A 206 0.97 -3.57 -5.38
C THR A 206 0.76 -5.02 -4.89
N PRO A 207 0.17 -5.31 -3.70
CA PRO A 207 0.06 -6.70 -3.25
C PRO A 207 -0.85 -7.59 -4.10
N HIS A 208 -1.76 -6.92 -4.82
CA HIS A 208 -3.04 -7.51 -5.23
C HIS A 208 -3.19 -7.55 -6.76
N MET A 209 -2.36 -6.79 -7.52
CA MET A 209 -2.48 -6.67 -8.97
C MET A 209 -1.13 -6.27 -9.53
N LYS A 210 -0.86 -6.69 -10.78
CA LYS A 210 0.35 -6.35 -11.50
C LYS A 210 0.55 -4.84 -11.54
N ILE A 211 1.78 -4.38 -11.29
CA ILE A 211 2.07 -2.96 -11.46
C ILE A 211 3.03 -2.80 -12.64
N ASP A 212 2.77 -1.81 -13.50
CA ASP A 212 3.65 -1.53 -14.63
C ASP A 212 3.85 -0.02 -14.75
N VAL A 213 4.93 0.47 -14.15
CA VAL A 213 5.16 1.91 -14.04
C VAL A 213 5.41 2.53 -15.42
N GLN A 214 5.87 1.73 -16.39
CA GLN A 214 6.06 2.28 -17.74
C GLN A 214 4.68 2.52 -18.35
N ASP A 215 3.79 1.56 -18.22
CA ASP A 215 2.44 1.72 -18.73
C ASP A 215 1.64 2.77 -17.95
N LEU A 216 1.78 2.84 -16.64
CA LEU A 216 1.01 3.81 -15.87
C LEU A 216 1.55 5.22 -16.13
N ASP A 217 2.83 5.31 -16.50
CA ASP A 217 3.56 6.55 -16.68
C ASP A 217 3.51 7.43 -15.41
N CYS A 218 3.39 6.81 -14.21
CA CYS A 218 3.52 7.57 -12.96
C CYS A 218 4.95 8.09 -12.77
N ASP A 219 5.10 9.26 -12.13
CA ASP A 219 6.37 9.92 -11.84
C ASP A 219 6.98 9.36 -10.56
N PHE A 220 6.14 9.07 -9.57
CA PHE A 220 6.55 8.42 -8.34
C PHE A 220 5.49 7.39 -7.98
N PHE A 221 5.94 6.31 -7.31
CA PHE A 221 5.06 5.24 -6.86
C PHE A 221 5.61 4.65 -5.56
N ALA A 222 4.75 4.49 -4.56
CA ALA A 222 5.11 4.07 -3.23
C ALA A 222 4.34 2.78 -2.86
N LEU A 223 5.02 1.85 -2.18
CA LEU A 223 4.46 0.57 -1.77
C LEU A 223 5.11 0.12 -0.46
N SER A 224 4.46 -0.81 0.24
CA SER A 224 4.86 -1.33 1.53
C SER A 224 5.01 -2.85 1.43
N SER A 225 6.16 -3.37 1.88
CA SER A 225 6.41 -4.81 1.99
C SER A 225 5.33 -5.55 2.81
N HIS A 226 4.97 -4.97 3.96
CA HIS A 226 4.18 -5.70 4.94
C HIS A 226 2.79 -6.02 4.38
N LYS A 227 2.34 -5.28 3.36
CA LYS A 227 1.00 -5.55 2.81
C LYS A 227 1.04 -6.67 1.75
N MET A 228 2.25 -7.09 1.34
CA MET A 228 2.40 -8.01 0.20
C MET A 228 3.24 -9.24 0.56
N CYS A 229 2.97 -9.84 1.73
CA CYS A 229 3.62 -11.08 2.14
C CYS A 229 5.08 -10.85 2.53
N GLY A 230 5.49 -9.57 2.58
CA GLY A 230 6.89 -9.29 2.87
C GLY A 230 7.10 -8.84 4.34
N PRO A 231 8.36 -8.68 4.80
CA PRO A 231 8.63 -8.30 6.21
C PRO A 231 8.07 -6.90 6.48
N THR A 232 7.86 -6.60 7.77
CA THR A 232 7.56 -5.24 8.23
C THR A 232 8.77 -4.32 8.12
N GLY A 233 8.51 -3.01 8.09
CA GLY A 233 9.65 -2.09 8.19
C GLY A 233 10.27 -1.83 6.81
N VAL A 234 9.66 -2.31 5.72
CA VAL A 234 10.31 -2.07 4.43
C VAL A 234 9.32 -1.67 3.35
N GLY A 235 9.75 -0.72 2.52
CA GLY A 235 8.96 -0.26 1.40
C GLY A 235 9.86 0.20 0.26
N VAL A 236 9.20 0.74 -0.76
CA VAL A 236 9.90 1.16 -1.97
C VAL A 236 9.38 2.55 -2.34
N LEU A 237 10.31 3.41 -2.74
CA LEU A 237 9.95 4.56 -3.52
C LEU A 237 10.50 4.34 -4.94
N TYR A 238 9.60 4.26 -5.90
CA TYR A 238 10.01 4.36 -7.30
C TYR A 238 9.90 5.83 -7.74
N GLY A 239 10.88 6.31 -8.52
CA GLY A 239 10.75 7.61 -9.19
C GLY A 239 11.47 7.62 -10.53
N LYS A 240 10.90 8.33 -11.53
CA LYS A 240 11.56 8.55 -12.82
C LYS A 240 12.99 8.99 -12.55
N LYS A 241 13.97 8.36 -13.20
CA LYS A 241 15.35 8.68 -12.90
C LYS A 241 15.64 10.18 -12.98
N ALA A 242 15.09 10.85 -14.02
CA ALA A 242 15.39 12.26 -14.30
C ALA A 242 14.88 13.14 -13.16
N LEU A 243 13.79 12.72 -12.48
CA LEU A 243 13.31 13.47 -11.32
C LEU A 243 14.18 13.22 -10.09
N LEU A 244 14.47 11.95 -9.79
CA LEU A 244 15.38 11.61 -8.69
C LEU A 244 16.76 12.26 -8.84
N GLU A 245 17.23 12.43 -10.08
CA GLU A 245 18.56 13.01 -10.28
C GLU A 245 18.58 14.44 -9.74
N ASN A 246 17.44 15.14 -9.79
CA ASN A 246 17.39 16.56 -9.49
C ASN A 246 16.99 16.85 -8.04
N MET A 247 16.45 15.85 -7.35
CA MET A 247 16.01 15.97 -5.98
C MET A 247 17.22 15.87 -5.07
N GLU A 248 17.21 16.66 -3.99
CA GLU A 248 18.23 16.47 -2.98
C GLU A 248 17.80 15.30 -2.07
N PRO A 249 18.75 14.61 -1.41
CA PRO A 249 18.39 13.59 -0.43
C PRO A 249 17.47 14.09 0.69
N ALA A 250 16.65 13.19 1.24
CA ALA A 250 15.79 13.52 2.38
C ALA A 250 16.53 13.32 3.71
N GLU A 251 17.57 12.49 3.73
CA GLU A 251 18.32 12.20 4.95
C GLU A 251 19.78 12.09 4.54
N PHE A 252 20.68 12.29 5.52
CA PHE A 252 22.12 12.37 5.24
C PHE A 252 22.90 11.48 6.19
N GLY A 253 24.01 10.92 5.71
CA GLY A 253 24.93 10.20 6.57
C GLY A 253 25.83 9.29 5.75
N GLY A 254 26.29 8.21 6.39
CA GLY A 254 27.11 7.23 5.69
C GLY A 254 26.33 6.61 4.54
N GLU A 255 27.08 6.00 3.61
CA GLU A 255 26.52 5.21 2.50
C GLU A 255 26.02 6.09 1.34
N MET A 256 25.38 7.22 1.68
CA MET A 256 24.76 8.02 0.64
C MET A 256 25.72 9.12 0.19
N ILE A 257 26.95 9.14 0.72
CA ILE A 257 27.96 10.15 0.36
C ILE A 257 28.99 9.60 -0.62
N ASP A 258 29.68 10.55 -1.24
CA ASP A 258 30.85 10.30 -2.05
C ASP A 258 32.05 10.90 -1.33
N PHE A 259 32.20 12.24 -1.33
CA PHE A 259 33.23 12.87 -0.54
C PHE A 259 32.63 13.61 0.65
N VAL A 260 33.27 13.52 1.82
CA VAL A 260 32.87 14.30 2.97
C VAL A 260 34.04 15.21 3.35
N GLY A 261 33.86 16.54 3.25
CA GLY A 261 34.79 17.52 3.80
C GLY A 261 34.28 17.99 5.17
N LEU A 262 34.92 19.02 5.76
CA LEU A 262 34.51 19.52 7.07
C LEU A 262 33.11 20.12 7.02
N TYR A 263 32.77 20.79 5.91
CA TYR A 263 31.56 21.62 5.86
C TYR A 263 30.67 21.20 4.71
N GLU A 264 31.28 20.58 3.69
CA GLU A 264 30.60 20.30 2.43
C GLU A 264 30.84 18.83 2.06
N SER A 265 29.84 18.20 1.41
CA SER A 265 29.92 16.79 1.04
C SER A 265 29.34 16.62 -0.35
N THR A 266 29.72 15.58 -1.09
CA THR A 266 28.95 15.25 -2.30
C THR A 266 28.26 13.89 -2.08
N TRP A 267 27.28 13.56 -2.93
CA TRP A 267 26.39 12.41 -2.78
C TRP A 267 26.81 11.29 -3.72
N LYS A 268 26.45 10.03 -3.41
CA LYS A 268 26.62 8.94 -4.36
C LYS A 268 25.63 9.07 -5.53
N GLU A 269 25.81 8.26 -6.58
CA GLU A 269 24.80 8.09 -7.62
C GLU A 269 23.51 7.49 -7.02
N LEU A 270 22.40 7.59 -7.77
CA LEU A 270 21.17 6.84 -7.50
C LEU A 270 21.44 5.35 -7.63
N PRO A 271 20.74 4.47 -6.89
CA PRO A 271 19.77 4.88 -5.88
C PRO A 271 20.34 5.26 -4.51
N TRP A 272 21.65 5.00 -4.29
CA TRP A 272 22.28 5.05 -2.97
C TRP A 272 22.21 6.46 -2.37
N LYS A 273 22.19 7.48 -3.23
CA LYS A 273 21.98 8.85 -2.78
C LYS A 273 20.79 8.96 -1.80
N PHE A 274 19.74 8.17 -2.01
CA PHE A 274 18.58 8.24 -1.13
C PHE A 274 18.57 7.16 -0.04
N GLU A 275 19.70 6.45 0.20
CA GLU A 275 19.74 5.39 1.21
C GLU A 275 20.83 5.68 2.25
N ALA A 276 20.45 6.41 3.31
CA ALA A 276 21.40 6.85 4.32
C ALA A 276 21.59 5.75 5.38
N GLY A 277 22.84 5.45 5.72
CA GLY A 277 23.11 4.58 6.88
C GLY A 277 23.00 3.11 6.52
N THR A 278 23.34 2.20 7.46
CA THR A 278 23.15 0.77 7.23
C THR A 278 21.71 0.52 6.74
N PRO A 279 21.51 -0.15 5.59
CA PRO A 279 20.16 -0.33 5.06
C PRO A 279 19.36 -1.47 5.71
N ILE A 280 18.10 -1.67 5.24
CA ILE A 280 17.19 -2.67 5.80
C ILE A 280 17.50 -3.98 5.08
N ILE A 281 18.59 -4.64 5.52
CA ILE A 281 19.21 -5.66 4.69
C ILE A 281 18.27 -6.87 4.62
N ALA A 282 17.95 -7.46 5.78
CA ALA A 282 17.17 -8.68 5.85
C ALA A 282 15.78 -8.43 5.27
N GLY A 283 15.14 -7.31 5.66
CA GLY A 283 13.79 -6.98 5.21
C GLY A 283 13.70 -6.87 3.68
N ALA A 284 14.66 -6.16 3.08
CA ALA A 284 14.68 -6.02 1.64
C ALA A 284 14.87 -7.39 0.99
N ILE A 285 15.81 -8.21 1.51
CA ILE A 285 15.98 -9.55 0.99
C ILE A 285 14.69 -10.36 1.12
N GLY A 286 13.98 -10.28 2.26
CA GLY A 286 12.67 -10.95 2.40
C GLY A 286 11.60 -10.36 1.45
N LEU A 287 11.64 -9.05 1.18
CA LEU A 287 10.74 -8.44 0.21
C LEU A 287 10.99 -9.10 -1.16
N GLY A 288 12.28 -9.29 -1.50
CA GLY A 288 12.60 -10.01 -2.73
C GLY A 288 12.01 -11.43 -2.75
N ALA A 289 12.06 -12.16 -1.61
CA ALA A 289 11.47 -13.49 -1.51
C ALA A 289 9.96 -13.42 -1.73
N ALA A 290 9.34 -12.38 -1.18
CA ALA A 290 7.89 -12.25 -1.25
C ALA A 290 7.50 -12.05 -2.71
N ILE A 291 8.29 -11.24 -3.42
CA ILE A 291 8.07 -11.00 -4.83
C ILE A 291 8.24 -12.33 -5.57
N ASP A 292 9.31 -13.12 -5.26
CA ASP A 292 9.46 -14.38 -5.97
C ASP A 292 8.22 -15.26 -5.75
N PHE A 293 7.65 -15.20 -4.54
CA PHE A 293 6.52 -16.03 -4.17
C PHE A 293 5.27 -15.61 -4.95
N LEU A 294 5.02 -14.28 -5.01
CA LEU A 294 3.79 -13.78 -5.61
C LEU A 294 3.87 -14.01 -7.14
N GLU A 295 5.08 -13.93 -7.70
CA GLU A 295 5.34 -14.05 -9.13
C GLU A 295 5.13 -15.49 -9.60
N GLU A 296 5.59 -16.45 -8.80
CA GLU A 296 5.42 -17.86 -9.06
C GLU A 296 3.93 -18.23 -9.07
N ILE A 297 3.13 -17.72 -8.12
CA ILE A 297 1.68 -17.88 -8.23
C ILE A 297 1.09 -17.10 -9.41
N GLY A 298 1.64 -15.93 -9.74
CA GLY A 298 1.02 -15.09 -10.78
C GLY A 298 0.10 -14.01 -10.20
N LEU A 299 0.44 -12.73 -10.42
CA LEU A 299 -0.35 -11.62 -9.91
C LEU A 299 -1.73 -11.62 -10.53
N ASP A 300 -1.79 -12.03 -11.81
CA ASP A 300 -3.04 -12.13 -12.54
C ASP A 300 -3.95 -13.15 -11.85
N GLU A 301 -3.40 -14.31 -11.48
CA GLU A 301 -4.15 -15.33 -10.77
C GLU A 301 -4.66 -14.81 -9.41
N ILE A 302 -3.81 -14.07 -8.70
CA ILE A 302 -4.15 -13.55 -7.38
C ILE A 302 -5.31 -12.55 -7.56
N SER A 303 -5.17 -11.67 -8.55
CA SER A 303 -6.18 -10.68 -8.93
C SER A 303 -7.54 -11.32 -9.30
N ARG A 304 -7.52 -12.39 -10.10
CA ARG A 304 -8.76 -13.08 -10.46
C ARG A 304 -9.42 -13.65 -9.20
N HIS A 305 -8.60 -14.31 -8.35
CA HIS A 305 -9.10 -14.85 -7.10
C HIS A 305 -9.82 -13.76 -6.29
N GLU A 306 -9.18 -12.60 -6.12
CA GLU A 306 -9.77 -11.50 -5.37
C GLU A 306 -11.05 -10.95 -6.04
N HIS A 307 -11.09 -10.89 -7.40
CA HIS A 307 -12.30 -10.50 -8.09
C HIS A 307 -13.46 -11.43 -7.67
N LYS A 308 -13.24 -12.75 -7.72
CA LYS A 308 -14.27 -13.69 -7.31
C LYS A 308 -14.67 -13.49 -5.83
N LEU A 309 -13.68 -13.30 -4.94
CA LEU A 309 -13.98 -13.11 -3.52
C LEU A 309 -14.80 -11.82 -3.35
N ALA A 310 -14.41 -10.74 -4.04
CA ALA A 310 -15.13 -9.47 -3.87
C ALA A 310 -16.58 -9.53 -4.38
N ALA A 311 -16.79 -10.18 -5.55
CA ALA A 311 -18.13 -10.34 -6.12
C ALA A 311 -18.98 -11.17 -5.16
N TYR A 312 -18.44 -12.29 -4.69
CA TYR A 312 -19.13 -13.16 -3.74
C TYR A 312 -19.51 -12.37 -2.49
N ALA A 313 -18.56 -11.62 -1.96
CA ALA A 313 -18.81 -10.84 -0.76
C ALA A 313 -19.90 -9.80 -1.02
N LEU A 314 -19.76 -9.00 -2.10
CA LEU A 314 -20.78 -7.99 -2.30
C LEU A 314 -22.18 -8.63 -2.36
N GLU A 315 -22.28 -9.82 -2.97
CA GLU A 315 -23.57 -10.49 -3.13
C GLU A 315 -24.10 -10.92 -1.76
N ARG A 316 -23.22 -11.57 -0.99
CA ARG A 316 -23.69 -12.09 0.27
C ARG A 316 -24.05 -10.96 1.25
N PHE A 317 -23.38 -9.80 1.11
CA PHE A 317 -23.67 -8.62 1.93
C PHE A 317 -25.07 -8.07 1.58
N ARG A 318 -25.38 -8.03 0.28
CA ARG A 318 -26.67 -7.52 -0.17
C ARG A 318 -27.80 -8.44 0.27
N GLN A 319 -27.48 -9.67 0.73
CA GLN A 319 -28.50 -10.56 1.26
C GLN A 319 -28.78 -10.21 2.73
N LEU A 320 -28.05 -9.26 3.31
CA LEU A 320 -28.26 -8.97 4.73
C LEU A 320 -29.06 -7.69 4.85
N ASP A 321 -30.12 -7.70 5.64
CA ASP A 321 -30.80 -6.45 5.97
C ASP A 321 -29.98 -5.68 6.98
N GLY A 322 -30.16 -4.35 6.98
CA GLY A 322 -29.57 -3.45 7.93
C GLY A 322 -28.04 -3.33 7.81
N VAL A 323 -27.51 -3.53 6.60
CA VAL A 323 -26.08 -3.43 6.40
C VAL A 323 -25.86 -2.48 5.24
N THR A 324 -25.00 -1.46 5.42
CA THR A 324 -24.58 -0.57 4.33
C THR A 324 -23.14 -0.90 3.95
N VAL A 325 -22.92 -1.09 2.65
CA VAL A 325 -21.58 -1.28 2.10
C VAL A 325 -21.22 0.00 1.38
N TYR A 326 -19.96 0.46 1.51
CA TYR A 326 -19.52 1.72 0.91
C TYR A 326 -18.67 1.44 -0.33
N GLY A 327 -18.87 2.26 -1.37
CA GLY A 327 -18.01 2.30 -2.54
C GLY A 327 -18.59 1.55 -3.74
N PRO A 328 -17.83 1.37 -4.84
CA PRO A 328 -18.39 0.93 -6.13
C PRO A 328 -18.49 -0.58 -6.20
N GLU A 329 -19.14 -1.03 -7.27
CA GLU A 329 -19.34 -2.43 -7.58
C GLU A 329 -18.03 -3.05 -8.07
N GLU A 330 -17.38 -2.41 -9.04
CA GLU A 330 -16.05 -2.85 -9.45
C GLU A 330 -15.05 -2.39 -8.39
N ARG A 331 -14.26 -3.34 -7.86
CA ARG A 331 -13.45 -3.01 -6.70
C ARG A 331 -12.34 -4.06 -6.47
N ALA A 332 -11.35 -3.64 -5.67
CA ALA A 332 -10.34 -4.53 -5.09
C ALA A 332 -10.99 -5.49 -4.10
N GLY A 333 -10.19 -6.37 -3.49
CA GLY A 333 -10.72 -7.39 -2.59
C GLY A 333 -10.93 -6.94 -1.14
N LEU A 334 -11.88 -6.01 -0.90
CA LEU A 334 -12.25 -5.57 0.45
C LEU A 334 -13.68 -5.00 0.47
N VAL A 335 -14.32 -5.05 1.64
CA VAL A 335 -15.65 -4.51 1.86
C VAL A 335 -15.64 -3.71 3.18
N THR A 336 -15.86 -2.39 3.09
CA THR A 336 -16.04 -1.56 4.28
C THR A 336 -17.54 -1.34 4.46
N PHE A 337 -18.02 -1.42 5.71
CA PHE A 337 -19.47 -1.43 5.86
C PHE A 337 -19.85 -0.98 7.25
N ASN A 338 -21.17 -0.89 7.50
CA ASN A 338 -21.71 -0.71 8.83
C ASN A 338 -23.00 -1.49 8.97
N LEU A 339 -23.22 -2.06 10.16
CA LEU A 339 -24.52 -2.51 10.62
C LEU A 339 -25.29 -1.31 11.17
N ASP A 340 -26.52 -1.17 10.70
CA ASP A 340 -27.47 -0.23 11.28
C ASP A 340 -27.52 -0.44 12.79
N ASP A 341 -27.33 0.61 13.58
CA ASP A 341 -27.49 0.53 15.03
C ASP A 341 -26.48 -0.44 15.67
N VAL A 342 -25.39 -0.84 14.98
CA VAL A 342 -24.32 -1.45 15.76
C VAL A 342 -23.04 -0.65 15.50
N HIS A 343 -22.40 -0.22 16.59
CA HIS A 343 -21.14 0.49 16.41
C HIS A 343 -20.13 -0.50 15.79
N PRO A 344 -19.38 -0.08 14.75
CA PRO A 344 -18.36 -0.94 14.15
C PRO A 344 -17.29 -1.53 15.11
N HIS A 345 -16.86 -0.77 16.12
CA HIS A 345 -16.00 -1.32 17.16
CA HIS A 345 -15.98 -1.34 17.13
C HIS A 345 -16.63 -2.57 17.77
N ASP A 346 -17.94 -2.52 18.00
CA ASP A 346 -18.61 -3.66 18.60
C ASP A 346 -18.69 -4.84 17.63
N VAL A 347 -18.99 -4.54 16.35
CA VAL A 347 -18.94 -5.55 15.31
C VAL A 347 -17.60 -6.30 15.36
N ALA A 348 -16.49 -5.55 15.33
CA ALA A 348 -15.16 -6.12 15.34
C ALA A 348 -14.97 -7.02 16.56
N THR A 349 -15.41 -6.52 17.73
CA THR A 349 -15.19 -7.22 19.00
C THR A 349 -15.89 -8.57 18.96
N VAL A 350 -17.16 -8.53 18.59
CA VAL A 350 -18.00 -9.71 18.61
C VAL A 350 -17.54 -10.72 17.56
N LEU A 351 -17.17 -10.22 16.37
CA LEU A 351 -16.57 -11.07 15.32
C LEU A 351 -15.28 -11.76 15.81
N ASP A 352 -14.42 -11.07 16.57
CA ASP A 352 -13.18 -11.68 17.07
C ASP A 352 -13.47 -12.86 17.99
N ALA A 353 -14.52 -12.77 18.82
CA ALA A 353 -14.96 -13.90 19.62
C ALA A 353 -15.41 -15.09 18.76
N GLU A 354 -15.77 -14.85 17.48
CA GLU A 354 -16.10 -15.96 16.58
C GLU A 354 -14.85 -16.38 15.77
N GLY A 355 -13.68 -15.86 16.12
CA GLY A 355 -12.44 -16.22 15.43
C GLY A 355 -12.09 -15.28 14.28
N ILE A 356 -12.94 -14.27 14.04
CA ILE A 356 -12.87 -13.48 12.82
C ILE A 356 -12.24 -12.13 13.06
N ALA A 357 -11.14 -11.90 12.33
CA ALA A 357 -10.38 -10.66 12.41
C ALA A 357 -10.79 -9.68 11.30
N VAL A 358 -11.44 -8.57 11.70
CA VAL A 358 -11.74 -7.44 10.82
C VAL A 358 -11.24 -6.20 11.54
N ARG A 359 -11.32 -5.04 10.90
CA ARG A 359 -10.87 -3.80 11.51
C ARG A 359 -12.04 -2.82 11.58
N ALA A 360 -12.05 -1.99 12.62
CA ALA A 360 -13.09 -0.96 12.76
C ALA A 360 -12.40 0.36 13.04
N GLY A 361 -12.96 1.50 12.62
CA GLY A 361 -12.28 2.78 12.82
C GLY A 361 -12.38 3.66 11.57
N HIS A 362 -11.39 4.56 11.44
CA HIS A 362 -11.32 5.58 10.40
C HIS A 362 -10.50 5.02 9.23
N HIS A 363 -9.74 3.93 9.47
CA HIS A 363 -8.80 3.35 8.52
C HIS A 363 -7.84 4.42 7.98
N CYS A 364 -7.37 5.36 8.83
CA CYS A 364 -6.48 6.42 8.36
C CYS A 364 -7.06 7.23 7.19
N ALA A 365 -8.40 7.36 7.16
CA ALA A 365 -9.06 8.18 6.15
C ALA A 365 -10.18 9.02 6.79
N GLN A 366 -9.80 9.96 7.68
CA GLN A 366 -10.73 10.85 8.35
C GLN A 366 -11.56 11.66 7.35
N PRO A 367 -10.96 12.39 6.38
CA PRO A 367 -11.75 13.12 5.39
C PRO A 367 -12.73 12.20 4.68
N LEU A 368 -12.31 10.98 4.34
CA LEU A 368 -13.22 10.13 3.60
C LEU A 368 -14.42 9.75 4.47
N MET A 369 -14.21 9.53 5.79
CA MET A 369 -15.30 9.16 6.69
C MET A 369 -16.33 10.30 6.76
N LYS A 370 -15.82 11.54 6.78
CA LYS A 370 -16.61 12.77 6.81
C LYS A 370 -17.49 12.82 5.55
N TRP A 371 -16.86 12.70 4.37
CA TRP A 371 -17.52 12.52 3.09
C TRP A 371 -18.57 11.40 3.12
N LEU A 372 -18.31 10.30 3.82
CA LEU A 372 -19.30 9.25 3.88
C LEU A 372 -20.34 9.61 4.94
N ASP A 373 -20.13 10.72 5.66
CA ASP A 373 -21.04 11.08 6.74
C ASP A 373 -21.13 9.97 7.80
N VAL A 374 -20.01 9.31 8.14
CA VAL A 374 -20.00 8.38 9.26
C VAL A 374 -18.83 8.80 10.13
N THR A 375 -18.82 8.36 11.39
CA THR A 375 -17.63 8.63 12.16
C THR A 375 -16.71 7.41 12.15
N ALA A 376 -17.21 6.22 11.79
CA ALA A 376 -16.34 5.05 11.71
C ALA A 376 -17.00 3.97 10.86
N THR A 377 -16.20 2.97 10.47
CA THR A 377 -16.73 1.85 9.69
C THR A 377 -15.99 0.58 10.12
N ALA A 378 -16.56 -0.57 9.71
CA ALA A 378 -15.91 -1.85 9.82
C ALA A 378 -15.42 -2.28 8.44
N ARG A 379 -14.35 -3.11 8.37
CA ARG A 379 -13.79 -3.51 7.09
C ARG A 379 -13.29 -4.95 7.10
N ALA A 380 -13.77 -5.78 6.15
CA ALA A 380 -13.19 -7.08 5.88
C ALA A 380 -12.34 -6.96 4.61
N SER A 381 -11.10 -7.44 4.66
CA SER A 381 -10.19 -7.28 3.52
C SER A 381 -9.54 -8.62 3.20
N PHE A 382 -9.33 -8.89 1.90
CA PHE A 382 -9.04 -10.25 1.48
C PHE A 382 -7.63 -10.29 0.88
N TYR A 383 -7.12 -11.52 0.73
CA TYR A 383 -5.85 -11.81 0.06
C TYR A 383 -5.90 -13.24 -0.49
N LEU A 384 -4.75 -13.68 -1.00
CA LEU A 384 -4.58 -14.88 -1.81
C LEU A 384 -4.91 -16.13 -1.00
N TYR A 385 -4.93 -16.03 0.35
CA TYR A 385 -5.15 -17.17 1.24
C TYR A 385 -6.60 -17.24 1.75
N ASN A 386 -7.45 -16.27 1.38
CA ASN A 386 -8.83 -16.28 1.85
C ASN A 386 -9.75 -17.09 0.92
N THR A 387 -10.88 -17.57 1.46
CA THR A 387 -11.82 -18.40 0.74
C THR A 387 -13.24 -17.84 0.96
N GLU A 388 -14.15 -18.27 0.09
CA GLU A 388 -15.60 -18.07 0.15
C GLU A 388 -16.23 -18.65 1.42
N GLU A 389 -15.83 -19.85 1.84
CA GLU A 389 -16.20 -20.39 3.13
C GLU A 389 -15.94 -19.32 4.22
N GLU A 390 -14.82 -18.60 4.12
CA GLU A 390 -14.50 -17.62 5.17
C GLU A 390 -15.46 -16.43 5.11
N ILE A 391 -15.84 -16.05 3.88
CA ILE A 391 -16.84 -15.01 3.67
C ILE A 391 -18.22 -15.45 4.19
N ASP A 392 -18.54 -16.74 4.03
CA ASP A 392 -19.76 -17.29 4.63
C ASP A 392 -19.74 -17.10 6.16
N LYS A 393 -18.60 -17.46 6.81
CA LYS A 393 -18.51 -17.31 8.26
C LYS A 393 -18.70 -15.84 8.64
N LEU A 394 -18.21 -14.92 7.80
CA LEU A 394 -18.30 -13.50 8.09
C LEU A 394 -19.76 -13.07 8.05
N VAL A 395 -20.50 -13.46 6.97
CA VAL A 395 -21.85 -12.97 6.76
C VAL A 395 -22.77 -13.63 7.79
N GLU A 396 -22.51 -14.91 8.10
CA GLU A 396 -23.25 -15.60 9.14
C GLU A 396 -23.02 -14.91 10.49
N ALA A 397 -21.78 -14.50 10.76
CA ALA A 397 -21.49 -13.83 12.02
C ALA A 397 -22.13 -12.44 12.09
N LEU A 398 -22.23 -11.74 10.95
CA LEU A 398 -22.88 -10.44 10.97
C LEU A 398 -24.38 -10.60 11.24
N GLN A 399 -24.99 -11.63 10.65
CA GLN A 399 -26.38 -11.94 10.92
C GLN A 399 -26.61 -12.15 12.42
N LYS A 400 -25.81 -13.03 13.04
CA LYS A 400 -25.93 -13.30 14.47
C LYS A 400 -25.67 -12.05 15.30
N THR A 401 -24.77 -11.16 14.85
CA THR A 401 -24.47 -9.91 15.55
C THR A 401 -25.74 -9.04 15.60
N LYS A 402 -26.40 -8.90 14.44
CA LYS A 402 -27.67 -8.20 14.30
C LYS A 402 -28.70 -8.76 15.28
N GLU A 403 -28.93 -10.07 15.24
CA GLU A 403 -29.90 -10.68 16.14
C GLU A 403 -29.52 -10.41 17.60
N TYR A 404 -28.22 -10.52 17.92
CA TYR A 404 -27.77 -10.48 19.30
C TYR A 404 -27.96 -9.09 19.90
N PHE A 405 -27.65 -8.04 19.12
CA PHE A 405 -27.87 -6.66 19.55
C PHE A 405 -29.34 -6.24 19.43
N THR A 406 -30.17 -6.99 18.66
CA THR A 406 -31.60 -6.76 18.60
C THR A 406 -32.24 -7.23 19.90
N ASN A 407 -31.63 -8.27 20.49
CA ASN A 407 -32.12 -8.92 21.69
C ASN A 407 -31.64 -8.18 22.94
N VAL A 408 -30.38 -7.70 22.93
CA VAL A 408 -29.89 -6.80 23.95
C VAL A 408 -30.86 -5.60 24.07
N PHE A 409 -31.29 -5.04 22.92
CA PHE A 409 -32.34 -4.03 22.86
C PHE A 409 -33.70 -4.74 23.00
#